data_7ZV5
#
_entry.id   7ZV5
#
_cell.length_a   97.753
_cell.length_b   83.137
_cell.length_c   54.828
_cell.angle_alpha   90.000
_cell.angle_beta   117.140
_cell.angle_gamma   90.000
#
_symmetry.space_group_name_H-M   'C 1 2 1'
#
loop_
_entity.id
_entity.type
_entity.pdbx_description
1 polymer '3C-like proteinase nsp5'
2 polymer 'inhibitor TRIP5'
3 non-polymer 'DIMETHYL SULFOXIDE'
4 water water
#
loop_
_entity_poly.entity_id
_entity_poly.type
_entity_poly.pdbx_seq_one_letter_code
_entity_poly.pdbx_strand_id
1 'polypeptide(L)'
;SGFRKMAFPSGKVEGCMVQVTCGTTTLNGLWLDDVVYCPRHVICTSEDMLNPNYEDLLIRKSNHNFLVQAGNVQLRVIGH
SMQNCVLKLKVDTANPKTPKYKFVRIQPGQTFSVLACYNGSPSGVYQCAMRPNFTIKGSFLNGSCGSVGFNIDYDCVSFC
YMHHMELPTGVHAGTDLEGNFYGPFVDRQTAQAAGTDTTITVNVLAWLYAAVINGDRWFLNRFTTTLNDFNLVAMKYNYE
PLTQDHVDILGPLSAQTGIAVLDMCASLKELLQNGMNGRTILGSALLEDEFTPFDVVRQCSGVTFQ
;
A
2 'polypeptide(L)' (ACE)GF(HSV) B
#
loop_
_chem_comp.id
_chem_comp.type
_chem_comp.name
_chem_comp.formula
ACE non-polymer 'ACETYL GROUP' 'C2 H4 O'
DMS non-polymer 'DIMETHYL SULFOXIDE' 'C2 H6 O S'
#
# COMPACT_ATOMS: atom_id res chain seq x y z
N SER A 1 -6.33 21.38 -14.80
CA SER A 1 -5.03 20.87 -15.20
C SER A 1 -4.17 20.54 -13.98
N GLY A 2 -3.13 19.75 -14.22
CA GLY A 2 -2.18 19.32 -13.23
C GLY A 2 -2.33 17.85 -12.95
N PHE A 3 -1.26 17.24 -12.48
CA PHE A 3 -1.27 15.82 -12.12
C PHE A 3 -0.31 15.67 -10.98
N ARG A 4 -0.79 15.20 -9.83
CA ARG A 4 0.02 15.06 -8.62
C ARG A 4 -0.19 13.68 -7.98
N LYS A 5 0.75 13.25 -7.09
CA LYS A 5 0.57 12.01 -6.30
C LYS A 5 -0.49 12.38 -5.29
N MET A 6 -1.68 11.86 -5.46
CA MET A 6 -2.81 12.25 -4.64
C MET A 6 -3.33 11.17 -3.69
N ALA A 7 -3.26 11.45 -2.39
CA ALA A 7 -3.78 10.56 -1.38
C ALA A 7 -5.27 10.85 -1.13
N PHE A 8 -5.98 9.88 -0.58
CA PHE A 8 -7.37 10.05 -0.20
C PHE A 8 -7.41 10.93 1.05
N PRO A 9 -8.47 11.71 1.26
CA PRO A 9 -8.59 12.47 2.53
C PRO A 9 -8.47 11.51 3.73
N SER A 10 -7.59 11.80 4.70
CA SER A 10 -7.30 10.86 5.79
C SER A 10 -8.17 10.95 7.07
N GLY A 11 -9.17 11.84 7.08
CA GLY A 11 -10.05 12.08 8.23
C GLY A 11 -10.73 10.86 8.86
N LYS A 12 -11.35 10.04 8.04
CA LYS A 12 -12.02 8.82 8.52
C LYS A 12 -11.07 7.85 9.22
N VAL A 13 -9.78 7.83 8.83
CA VAL A 13 -8.77 6.94 9.44
C VAL A 13 -8.15 7.50 10.75
N GLU A 14 -7.93 8.85 10.83
CA GLU A 14 -7.34 9.55 11.97
C GLU A 14 -8.13 9.30 13.26
N GLY A 15 -9.46 9.34 13.14
CA GLY A 15 -10.38 9.10 14.26
C GLY A 15 -10.39 7.67 14.78
N CYS A 16 -9.64 6.76 14.13
CA CYS A 16 -9.49 5.35 14.51
C CYS A 16 -8.12 5.05 15.14
N MET A 17 -7.14 5.93 14.98
CA MET A 17 -5.78 5.65 15.45
C MET A 17 -5.64 5.80 16.95
N VAL A 18 -5.12 4.75 17.58
CA VAL A 18 -4.85 4.64 19.01
C VAL A 18 -3.39 4.15 19.22
N GLN A 19 -2.89 4.26 20.45
CA GLN A 19 -1.56 3.80 20.82
C GLN A 19 -1.72 2.51 21.62
N VAL A 20 -0.99 1.46 21.26
CA VAL A 20 -1.03 0.20 21.98
C VAL A 20 0.31 -0.03 22.70
N THR A 21 0.27 -0.37 23.97
CA THR A 21 1.47 -0.63 24.76
C THR A 21 1.42 -2.03 25.39
N CYS A 22 2.51 -2.78 25.28
CA CYS A 22 2.62 -4.09 25.91
C CYS A 22 4.03 -4.20 26.46
N GLY A 23 4.15 -4.17 27.78
CA GLY A 23 5.45 -4.21 28.43
C GLY A 23 6.26 -2.97 28.12
N THR A 24 7.30 -3.13 27.29
CA THR A 24 8.16 -2.01 26.90
C THR A 24 8.04 -1.63 25.40
N THR A 25 7.10 -2.26 24.67
CA THR A 25 6.90 -2.00 23.24
C THR A 25 5.69 -1.08 23.06
N THR A 26 5.83 -0.03 22.25
CA THR A 26 4.74 0.87 21.94
C THR A 26 4.61 1.02 20.43
N LEU A 27 3.43 0.66 19.88
CA LEU A 27 3.13 0.82 18.45
C LEU A 27 1.68 1.37 18.26
N ASN A 28 1.18 1.47 17.03
CA ASN A 28 -0.18 1.99 16.79
C ASN A 28 -1.20 0.85 16.63
N GLY A 29 -2.46 1.16 16.93
CA GLY A 29 -3.57 0.24 16.73
C GLY A 29 -4.70 0.88 15.95
N LEU A 30 -5.54 0.08 15.31
CA LEU A 30 -6.69 0.59 14.55
C LEU A 30 -7.97 0.23 15.30
N TRP A 31 -8.59 1.23 15.95
CA TRP A 31 -9.81 1.12 16.75
C TRP A 31 -11.09 1.21 15.89
N LEU A 32 -11.79 0.10 15.70
CA LEU A 32 -13.01 0.01 14.90
C LEU A 32 -14.04 -0.69 15.76
N ASP A 33 -15.11 0.02 16.15
CA ASP A 33 -16.12 -0.50 17.07
C ASP A 33 -15.39 -0.78 18.43
N ASP A 34 -15.65 -1.91 19.09
CA ASP A 34 -14.99 -2.24 20.34
C ASP A 34 -13.75 -3.13 20.15
N VAL A 35 -13.14 -3.15 18.95
CA VAL A 35 -11.94 -3.97 18.71
C VAL A 35 -10.76 -3.12 18.22
N VAL A 36 -9.57 -3.34 18.80
CA VAL A 36 -8.34 -2.66 18.41
C VAL A 36 -7.47 -3.70 17.71
N TYR A 37 -7.08 -3.44 16.46
CA TYR A 37 -6.29 -4.33 15.63
C TYR A 37 -4.84 -3.85 15.65
N CYS A 38 -3.85 -4.74 15.84
CA CYS A 38 -2.44 -4.31 15.82
C CYS A 38 -1.49 -5.48 15.49
N PRO A 39 -0.22 -5.23 15.09
CA PRO A 39 0.69 -6.36 14.79
C PRO A 39 0.91 -7.22 16.03
N ARG A 40 0.83 -8.55 15.87
CA ARG A 40 1.00 -9.46 16.99
C ARG A 40 2.42 -9.42 17.60
N HIS A 41 3.45 -8.87 16.88
CA HIS A 41 4.80 -8.79 17.46
C HIS A 41 4.90 -7.78 18.63
N VAL A 42 3.80 -7.03 18.94
CA VAL A 42 3.75 -6.14 20.11
C VAL A 42 3.97 -6.91 21.43
N ILE A 43 3.63 -8.21 21.47
CA ILE A 43 3.81 -9.03 22.67
C ILE A 43 5.24 -9.53 22.85
N CYS A 44 6.10 -9.42 21.83
CA CYS A 44 7.44 -9.98 21.89
C CYS A 44 8.56 -9.07 22.38
N THR A 45 9.54 -9.70 23.04
CA THR A 45 10.80 -9.05 23.37
C THR A 45 11.72 -9.24 22.09
N SER A 46 12.90 -8.61 22.04
CA SER A 46 13.82 -8.80 20.91
C SER A 46 14.28 -10.26 20.81
N GLU A 47 14.47 -10.91 21.97
CA GLU A 47 14.88 -12.30 22.13
C GLU A 47 13.81 -13.26 21.63
N ASP A 48 12.54 -12.94 21.89
CA ASP A 48 11.38 -13.72 21.44
C ASP A 48 11.30 -13.75 19.90
N MET A 49 11.76 -12.68 19.23
CA MET A 49 11.74 -12.59 17.78
C MET A 49 12.62 -13.59 17.04
N LEU A 50 13.64 -14.17 17.71
CA LEU A 50 14.54 -15.14 17.05
C LEU A 50 13.80 -16.40 16.57
N ASN A 51 13.01 -17.02 17.44
CA ASN A 51 12.20 -18.18 17.06
C ASN A 51 10.91 -18.16 17.88
N PRO A 52 9.97 -17.26 17.52
CA PRO A 52 8.74 -17.13 18.33
C PRO A 52 7.64 -18.16 18.11
N ASN A 53 7.05 -18.57 19.21
CA ASN A 53 5.87 -19.39 19.18
C ASN A 53 4.83 -18.49 19.82
N TYR A 54 4.07 -17.78 18.98
CA TYR A 54 3.10 -16.79 19.42
C TYR A 54 1.94 -17.35 20.21
N GLU A 55 1.51 -18.58 19.94
CA GLU A 55 0.40 -19.20 20.67
C GLU A 55 0.80 -19.35 22.16
N ASP A 56 2.04 -19.83 22.37
CA ASP A 56 2.70 -20.05 23.67
C ASP A 56 2.98 -18.70 24.36
N LEU A 57 3.33 -17.66 23.59
CA LEU A 57 3.59 -16.33 24.15
C LEU A 57 2.30 -15.63 24.60
N LEU A 58 1.23 -15.73 23.80
CA LEU A 58 -0.05 -15.09 24.08
C LEU A 58 -0.78 -15.73 25.27
N ILE A 59 -0.59 -17.04 25.47
CA ILE A 59 -1.18 -17.72 26.62
C ILE A 59 -0.56 -17.22 27.95
N ARG A 60 0.65 -16.66 27.92
CA ARG A 60 1.30 -16.08 29.10
C ARG A 60 0.84 -14.68 29.46
N LYS A 61 0.10 -14.02 28.57
CA LYS A 61 -0.40 -12.67 28.75
C LYS A 61 -1.83 -12.63 29.32
N SER A 62 -2.11 -11.57 30.08
CA SER A 62 -3.43 -11.23 30.62
C SER A 62 -3.92 -9.94 29.91
N ASN A 63 -5.21 -9.59 30.06
CA ASN A 63 -5.79 -8.36 29.54
C ASN A 63 -5.10 -7.12 30.12
N HIS A 64 -4.70 -7.18 31.40
CA HIS A 64 -4.03 -6.04 32.04
C HIS A 64 -2.60 -5.80 31.53
N ASN A 65 -2.02 -6.76 30.80
CA ASN A 65 -0.71 -6.56 30.18
C ASN A 65 -0.79 -5.58 28.99
N PHE A 66 -2.02 -5.33 28.44
CA PHE A 66 -2.23 -4.41 27.29
C PHE A 66 -2.79 -3.06 27.68
N LEU A 67 -2.18 -2.01 27.17
CA LEU A 67 -2.58 -0.65 27.44
C LEU A 67 -3.03 0.06 26.16
N VAL A 68 -4.28 0.53 26.10
CA VAL A 68 -4.79 1.23 24.93
C VAL A 68 -5.07 2.68 25.27
N GLN A 69 -4.52 3.62 24.48
CA GLN A 69 -4.74 5.04 24.74
C GLN A 69 -5.26 5.79 23.49
N ALA A 70 -6.47 6.34 23.60
CA ALA A 70 -7.13 7.09 22.53
C ALA A 70 -7.19 8.54 22.96
N GLY A 71 -6.31 9.36 22.39
CA GLY A 71 -6.19 10.76 22.76
C GLY A 71 -5.75 10.91 24.20
N ASN A 72 -6.66 11.39 25.05
CA ASN A 72 -6.38 11.51 26.48
C ASN A 72 -6.91 10.28 27.23
N VAL A 73 -8.08 9.77 26.84
CA VAL A 73 -8.69 8.63 27.51
C VAL A 73 -7.94 7.32 27.33
N GLN A 74 -7.92 6.51 28.38
CA GLN A 74 -7.30 5.19 28.38
C GLN A 74 -8.43 4.16 28.30
N LEU A 75 -8.39 3.28 27.29
CA LEU A 75 -9.43 2.26 27.10
C LEU A 75 -9.05 0.97 27.80
N ARG A 76 -10.01 0.34 28.49
CA ARG A 76 -9.73 -0.91 29.20
C ARG A 76 -9.84 -2.10 28.26
N VAL A 77 -8.81 -2.96 28.25
CA VAL A 77 -8.83 -4.17 27.44
C VAL A 77 -9.61 -5.25 28.19
N ILE A 78 -10.73 -5.70 27.61
CA ILE A 78 -11.57 -6.74 28.24
C ILE A 78 -11.52 -8.10 27.52
N GLY A 79 -10.67 -8.23 26.49
CA GLY A 79 -10.49 -9.47 25.75
C GLY A 79 -9.33 -9.39 24.77
N HIS A 80 -8.79 -10.55 24.35
CA HIS A 80 -7.69 -10.56 23.39
C HIS A 80 -7.69 -11.86 22.61
N SER A 81 -7.39 -11.77 21.31
CA SER A 81 -7.28 -12.94 20.44
C SER A 81 -6.30 -12.66 19.30
N MET A 82 -5.85 -13.71 18.63
CA MET A 82 -4.90 -13.61 17.54
C MET A 82 -5.53 -14.18 16.26
N GLN A 83 -5.36 -13.49 15.15
CA GLN A 83 -5.82 -13.97 13.86
C GLN A 83 -4.64 -13.80 12.92
N ASN A 84 -3.96 -14.91 12.59
CA ASN A 84 -2.79 -14.85 11.72
C ASN A 84 -1.68 -13.99 12.39
N CYS A 85 -1.16 -12.93 11.73
CA CYS A 85 -0.15 -12.10 12.35
C CYS A 85 -0.71 -10.79 12.98
N VAL A 86 -2.04 -10.72 13.24
CA VAL A 86 -2.60 -9.55 13.92
C VAL A 86 -3.26 -9.94 15.24
N LEU A 87 -3.12 -9.07 16.23
CA LEU A 87 -3.70 -9.17 17.56
C LEU A 87 -4.96 -8.27 17.56
N LYS A 88 -6.04 -8.78 18.13
CA LYS A 88 -7.33 -8.12 18.28
C LYS A 88 -7.66 -7.98 19.76
N LEU A 89 -7.57 -6.74 20.27
CA LEU A 89 -7.83 -6.39 21.65
C LEU A 89 -9.25 -5.85 21.81
N LYS A 90 -10.12 -6.59 22.50
CA LYS A 90 -11.50 -6.19 22.76
C LYS A 90 -11.45 -5.11 23.83
N VAL A 91 -12.10 -3.97 23.61
CA VAL A 91 -12.09 -2.88 24.58
C VAL A 91 -13.50 -2.57 25.10
N ASP A 92 -13.59 -1.94 26.28
CA ASP A 92 -14.89 -1.65 26.89
C ASP A 92 -15.67 -0.49 26.23
N THR A 93 -15.04 0.24 25.28
CA THR A 93 -15.71 1.35 24.62
C THR A 93 -15.69 1.16 23.09
N ALA A 94 -16.86 1.29 22.45
CA ALA A 94 -16.94 1.24 21.00
C ALA A 94 -16.59 2.63 20.49
N ASN A 95 -15.75 2.71 19.44
CA ASN A 95 -15.30 3.98 18.86
C ASN A 95 -16.46 4.74 18.24
N PRO A 96 -16.78 5.92 18.78
CA PRO A 96 -17.89 6.70 18.21
C PRO A 96 -17.62 7.24 16.79
N LYS A 97 -16.34 7.33 16.40
CA LYS A 97 -15.98 7.83 15.09
C LYS A 97 -15.65 6.70 14.10
N THR A 98 -16.19 5.49 14.32
CA THR A 98 -15.98 4.37 13.39
C THR A 98 -16.70 4.67 12.09
N PRO A 99 -15.98 4.71 10.97
CA PRO A 99 -16.63 4.96 9.68
C PRO A 99 -17.22 3.67 9.09
N LYS A 100 -17.88 3.77 7.94
CA LYS A 100 -18.31 2.60 7.19
C LYS A 100 -17.00 2.00 6.61
N TYR A 101 -16.75 0.70 6.83
CA TYR A 101 -15.47 0.12 6.41
C TYR A 101 -15.56 -1.32 5.90
N LYS A 102 -14.47 -1.75 5.24
CA LYS A 102 -14.19 -3.06 4.68
C LYS A 102 -12.71 -3.38 4.90
N PHE A 103 -12.39 -4.66 4.97
CA PHE A 103 -11.03 -5.15 5.01
C PHE A 103 -10.87 -5.84 3.64
N VAL A 104 -9.92 -5.38 2.81
CA VAL A 104 -9.74 -5.97 1.49
C VAL A 104 -8.26 -6.32 1.27
N ARG A 105 -7.96 -7.49 0.67
CA ARG A 105 -6.61 -7.89 0.38
C ARG A 105 -6.39 -7.56 -1.08
N ILE A 106 -5.46 -6.65 -1.35
CA ILE A 106 -5.19 -6.16 -2.70
C ILE A 106 -4.19 -7.00 -3.51
N GLN A 107 -4.25 -6.83 -4.83
CA GLN A 107 -3.35 -7.46 -5.78
C GLN A 107 -2.07 -6.59 -5.95
N PRO A 108 -0.93 -7.20 -6.36
CA PRO A 108 0.26 -6.37 -6.69
C PRO A 108 -0.07 -5.42 -7.85
N GLY A 109 0.44 -4.19 -7.77
CA GLY A 109 0.15 -3.15 -8.77
C GLY A 109 -0.89 -2.14 -8.31
N GLN A 110 -1.71 -2.50 -7.33
CA GLN A 110 -2.75 -1.62 -6.81
C GLN A 110 -2.13 -0.58 -5.86
N THR A 111 -2.70 0.63 -5.83
CA THR A 111 -2.20 1.70 -4.97
C THR A 111 -3.10 1.92 -3.73
N PHE A 112 -2.60 2.65 -2.72
CA PHE A 112 -3.34 3.00 -1.51
C PHE A 112 -2.68 4.18 -0.82
N SER A 113 -3.43 4.84 0.04
CA SER A 113 -2.93 5.95 0.81
C SER A 113 -2.43 5.39 2.14
N VAL A 114 -1.32 5.93 2.68
CA VAL A 114 -0.78 5.50 3.96
C VAL A 114 -0.90 6.65 4.93
N LEU A 115 -1.40 6.39 6.14
CA LEU A 115 -1.41 7.39 7.19
C LEU A 115 -0.33 6.96 8.20
N ALA A 116 0.87 7.57 8.12
CA ALA A 116 1.95 7.24 9.03
C ALA A 116 1.64 7.81 10.42
N CYS A 117 1.78 6.99 11.48
CA CYS A 117 1.50 7.37 12.86
C CYS A 117 2.66 6.92 13.75
N TYR A 118 2.80 7.62 14.88
CA TYR A 118 3.78 7.38 15.93
C TYR A 118 3.03 7.67 17.22
N ASN A 119 3.02 6.71 18.17
CA ASN A 119 2.35 6.82 19.48
C ASN A 119 0.84 7.15 19.40
N GLY A 120 0.16 6.62 18.39
CA GLY A 120 -1.26 6.83 18.21
C GLY A 120 -1.67 8.13 17.55
N SER A 121 -0.70 8.97 17.13
CA SER A 121 -1.00 10.25 16.49
C SER A 121 -0.50 10.29 15.04
N PRO A 122 -1.39 10.60 14.09
CA PRO A 122 -0.97 10.67 12.70
C PRO A 122 0.04 11.79 12.46
N SER A 123 1.08 11.44 11.74
CA SER A 123 2.17 12.31 11.41
C SER A 123 2.02 12.86 9.98
N GLY A 124 1.48 12.07 9.06
CA GLY A 124 1.35 12.49 7.66
C GLY A 124 0.71 11.46 6.75
N VAL A 125 0.40 11.87 5.52
CA VAL A 125 -0.26 10.99 4.55
C VAL A 125 0.45 11.06 3.20
N TYR A 126 0.58 9.90 2.53
CA TYR A 126 1.24 9.79 1.23
C TYR A 126 0.68 8.63 0.45
N GLN A 127 0.94 8.58 -0.84
CA GLN A 127 0.45 7.54 -1.74
C GLN A 127 1.55 6.54 -2.11
N CYS A 128 1.23 5.24 -2.18
CA CYS A 128 2.15 4.24 -2.72
C CYS A 128 1.43 3.01 -3.32
N ALA A 129 2.18 2.16 -3.99
CA ALA A 129 1.67 0.95 -4.59
C ALA A 129 2.28 -0.32 -3.96
N MET A 130 1.55 -1.40 -4.05
CA MET A 130 2.03 -2.72 -3.68
C MET A 130 2.90 -3.10 -4.90
N ARG A 131 4.21 -3.24 -4.70
CA ARG A 131 5.12 -3.58 -5.79
C ARG A 131 4.91 -5.03 -6.22
N PRO A 132 5.25 -5.40 -7.48
CA PRO A 132 5.12 -6.83 -7.87
C PRO A 132 5.85 -7.84 -6.95
N ASN A 133 6.92 -7.41 -6.22
CA ASN A 133 7.63 -8.28 -5.27
C ASN A 133 7.00 -8.27 -3.84
N PHE A 134 5.81 -7.65 -3.70
CA PHE A 134 5.00 -7.58 -2.47
C PHE A 134 5.64 -6.79 -1.29
N THR A 135 6.50 -5.85 -1.60
CA THR A 135 7.02 -4.90 -0.64
C THR A 135 6.40 -3.52 -1.03
N ILE A 136 6.58 -2.50 -0.18
CA ILE A 136 6.13 -1.15 -0.49
C ILE A 136 7.30 -0.19 -0.28
N LYS A 137 7.44 0.81 -1.13
CA LYS A 137 8.48 1.83 -0.98
C LYS A 137 7.86 2.97 -0.18
N GLY A 138 7.73 2.77 1.13
CA GLY A 138 7.12 3.77 1.99
C GLY A 138 8.12 4.67 2.67
N SER A 139 7.66 5.36 3.70
CA SER A 139 8.49 6.22 4.51
C SER A 139 8.11 5.92 5.95
N PHE A 140 8.87 5.02 6.59
CA PHE A 140 8.56 4.60 7.94
C PHE A 140 9.75 4.59 8.86
N LEU A 141 9.56 5.08 10.11
CA LEU A 141 10.58 5.07 11.15
C LEU A 141 10.16 4.08 12.27
N ASN A 142 11.02 3.94 13.29
CA ASN A 142 10.73 3.09 14.46
C ASN A 142 9.49 3.65 15.17
N GLY A 143 8.55 2.77 15.50
CA GLY A 143 7.30 3.19 16.11
C GLY A 143 6.12 3.31 15.15
N SER A 144 6.37 3.14 13.84
CA SER A 144 5.32 3.25 12.84
C SER A 144 4.46 2.01 12.69
N CYS A 145 4.84 0.86 13.28
CA CYS A 145 4.06 -0.40 13.25
C CYS A 145 2.62 -0.16 13.63
N GLY A 146 1.68 -0.78 12.91
CA GLY A 146 0.27 -0.54 13.16
C GLY A 146 -0.33 0.56 12.29
N SER A 147 0.51 1.36 11.59
CA SER A 147 0.03 2.38 10.62
C SER A 147 -0.65 1.62 9.48
N VAL A 148 -1.71 2.19 8.92
CA VAL A 148 -2.45 1.50 7.89
C VAL A 148 -2.48 2.19 6.50
N GLY A 149 -2.70 1.35 5.49
CA GLY A 149 -2.90 1.68 4.10
C GLY A 149 -4.38 1.47 3.81
N PHE A 150 -4.95 2.33 2.93
CA PHE A 150 -6.37 2.30 2.64
C PHE A 150 -6.78 3.01 1.32
N ASN A 151 -7.98 2.73 0.85
CA ASN A 151 -8.61 3.44 -0.28
C ASN A 151 -10.03 3.85 0.18
N ILE A 152 -10.62 4.88 -0.43
CA ILE A 152 -11.97 5.30 -0.05
C ILE A 152 -12.95 5.21 -1.24
N ASP A 153 -14.03 4.41 -1.11
CA ASP A 153 -15.03 4.26 -2.17
C ASP A 153 -16.32 4.87 -1.65
N TYR A 154 -16.68 6.06 -2.18
CA TYR A 154 -17.83 6.83 -1.75
C TYR A 154 -17.59 7.24 -0.27
N ASP A 155 -18.30 6.65 0.70
CA ASP A 155 -18.07 6.93 2.11
C ASP A 155 -17.46 5.71 2.85
N CYS A 156 -17.11 4.61 2.11
CA CYS A 156 -16.58 3.39 2.71
C CYS A 156 -15.07 3.27 2.65
N VAL A 157 -14.44 3.05 3.80
CA VAL A 157 -12.99 2.91 3.90
C VAL A 157 -12.55 1.45 3.72
N SER A 158 -11.71 1.19 2.71
CA SER A 158 -11.19 -0.15 2.48
C SER A 158 -9.76 -0.22 2.96
N PHE A 159 -9.55 -0.82 4.12
CA PHE A 159 -8.24 -0.99 4.70
C PHE A 159 -7.59 -2.17 4.01
N CYS A 160 -6.38 -1.97 3.48
CA CYS A 160 -5.68 -3.03 2.77
C CYS A 160 -4.31 -3.38 3.33
N TYR A 161 -3.75 -2.55 4.22
CA TYR A 161 -2.40 -2.78 4.72
C TYR A 161 -2.22 -2.37 6.18
N MET A 162 -1.40 -3.10 6.90
CA MET A 162 -0.96 -2.77 8.26
C MET A 162 0.57 -2.94 8.22
N HIS A 163 1.32 -1.92 8.70
CA HIS A 163 2.79 -1.98 8.67
C HIS A 163 3.39 -2.84 9.76
N HIS A 164 4.39 -3.68 9.42
CA HIS A 164 5.08 -4.52 10.41
C HIS A 164 6.61 -4.33 10.47
N MET A 165 7.29 -4.25 9.32
CA MET A 165 8.75 -4.22 9.31
C MET A 165 9.41 -3.49 8.11
N GLU A 166 10.70 -3.24 8.22
CA GLU A 166 11.52 -2.68 7.17
C GLU A 166 12.57 -3.73 6.83
N LEU A 167 12.72 -4.04 5.55
CA LEU A 167 13.69 -5.02 5.07
C LEU A 167 15.07 -4.35 4.91
N PRO A 168 16.17 -5.12 4.74
CA PRO A 168 17.51 -4.47 4.60
C PRO A 168 17.68 -3.47 3.43
N THR A 169 16.91 -3.57 2.32
CA THR A 169 17.04 -2.58 1.23
C THR A 169 16.30 -1.26 1.51
N GLY A 170 15.64 -1.14 2.66
CA GLY A 170 14.90 0.07 2.99
C GLY A 170 13.44 0.04 2.57
N VAL A 171 12.99 -1.07 1.96
CA VAL A 171 11.59 -1.24 1.58
C VAL A 171 10.81 -1.83 2.75
N HIS A 172 9.48 -1.79 2.70
CA HIS A 172 8.63 -2.15 3.82
C HIS A 172 7.73 -3.33 3.57
N ALA A 173 7.45 -4.10 4.64
CA ALA A 173 6.60 -5.27 4.52
C ALA A 173 5.55 -5.31 5.62
N GLY A 174 4.38 -5.82 5.28
CA GLY A 174 3.28 -5.90 6.22
C GLY A 174 2.19 -6.82 5.76
N THR A 175 1.07 -6.76 6.48
CA THR A 175 -0.07 -7.64 6.26
C THR A 175 -1.33 -6.90 5.76
N ASP A 176 -2.36 -7.69 5.39
CA ASP A 176 -3.68 -7.13 5.18
C ASP A 176 -4.27 -6.96 6.64
N LEU A 177 -5.51 -6.41 6.76
CA LEU A 177 -6.12 -6.22 8.08
C LEU A 177 -6.56 -7.53 8.77
N GLU A 178 -6.47 -8.66 8.06
CA GLU A 178 -6.74 -9.97 8.65
C GLU A 178 -5.44 -10.68 9.08
N GLY A 179 -4.28 -10.00 9.01
CA GLY A 179 -2.99 -10.51 9.46
C GLY A 179 -2.18 -11.39 8.53
N ASN A 180 -2.54 -11.44 7.24
CA ASN A 180 -1.80 -12.25 6.29
C ASN A 180 -0.83 -11.38 5.59
N PHE A 181 0.47 -11.70 5.70
CA PHE A 181 1.52 -10.92 5.04
C PHE A 181 1.35 -10.92 3.54
N TYR A 182 1.75 -9.83 2.92
CA TYR A 182 1.87 -9.76 1.49
C TYR A 182 3.29 -10.30 1.24
N GLY A 183 3.43 -11.20 0.28
CA GLY A 183 4.75 -11.77 -0.03
C GLY A 183 5.13 -12.92 0.87
N PRO A 184 6.39 -13.41 0.76
CA PRO A 184 6.80 -14.54 1.59
C PRO A 184 7.36 -14.16 2.95
N PHE A 185 7.04 -12.96 3.44
CA PHE A 185 7.56 -12.46 4.71
C PHE A 185 6.84 -13.05 5.93
N VAL A 186 7.62 -13.20 7.01
CA VAL A 186 7.18 -13.73 8.30
C VAL A 186 7.53 -12.74 9.43
N ASP A 187 6.82 -12.79 10.57
CA ASP A 187 7.15 -11.87 11.67
C ASP A 187 8.13 -12.49 12.69
N ARG A 188 9.33 -12.81 12.21
CA ARG A 188 10.44 -13.32 13.01
C ARG A 188 11.78 -12.87 12.45
N GLN A 189 12.80 -12.82 13.32
CA GLN A 189 14.10 -12.34 12.91
C GLN A 189 14.86 -13.40 12.15
N THR A 190 14.73 -13.39 10.84
CA THR A 190 15.42 -14.33 9.98
C THR A 190 16.01 -13.53 8.80
N ALA A 191 16.90 -14.16 8.03
CA ALA A 191 17.44 -13.52 6.85
C ALA A 191 16.32 -13.54 5.80
N GLN A 192 15.64 -12.42 5.63
CA GLN A 192 14.60 -12.31 4.61
C GLN A 192 14.91 -11.11 3.76
N ALA A 193 14.69 -11.23 2.47
CA ALA A 193 14.99 -10.17 1.55
C ALA A 193 13.94 -10.07 0.45
N ALA A 194 13.77 -8.87 -0.08
CA ALA A 194 12.83 -8.63 -1.16
C ALA A 194 13.38 -9.29 -2.41
N GLY A 195 12.48 -9.90 -3.18
CA GLY A 195 12.88 -10.49 -4.45
C GLY A 195 13.06 -9.42 -5.52
N THR A 196 13.42 -9.83 -6.73
CA THR A 196 13.59 -8.87 -7.83
C THR A 196 12.25 -8.19 -8.17
N ASP A 197 12.27 -6.87 -8.35
CA ASP A 197 11.06 -6.14 -8.69
C ASP A 197 10.95 -5.85 -10.18
N THR A 198 9.74 -5.64 -10.67
CA THR A 198 9.46 -5.34 -12.06
C THR A 198 8.59 -4.07 -12.12
N THR A 199 8.55 -3.40 -13.29
CA THR A 199 7.73 -2.18 -13.45
C THR A 199 6.28 -2.55 -13.78
N ILE A 200 5.31 -1.88 -13.14
CA ILE A 200 3.87 -2.13 -13.38
C ILE A 200 3.43 -1.46 -14.70
N THR A 201 3.47 -2.23 -15.80
CA THR A 201 3.17 -1.77 -17.17
C THR A 201 1.81 -1.11 -17.38
N VAL A 202 0.72 -1.70 -16.87
CA VAL A 202 -0.61 -1.09 -17.06
C VAL A 202 -0.67 0.32 -16.43
N ASN A 203 0.08 0.53 -15.32
CA ASN A 203 0.16 1.79 -14.62
C ASN A 203 0.97 2.83 -15.44
N VAL A 204 2.05 2.40 -16.12
CA VAL A 204 2.84 3.32 -16.95
C VAL A 204 1.98 3.81 -18.11
N LEU A 205 1.21 2.90 -18.73
CA LEU A 205 0.31 3.25 -19.81
C LEU A 205 -0.78 4.22 -19.32
N ALA A 206 -1.33 4.01 -18.13
CA ALA A 206 -2.34 4.91 -17.57
C ALA A 206 -1.77 6.32 -17.36
N TRP A 207 -0.53 6.42 -16.90
CA TRP A 207 0.15 7.68 -16.64
C TRP A 207 0.50 8.42 -17.96
N LEU A 208 0.79 7.69 -19.04
CA LEU A 208 1.01 8.27 -20.37
C LEU A 208 -0.33 8.84 -20.90
N TYR A 209 -1.47 8.18 -20.59
CA TYR A 209 -2.77 8.70 -20.98
C TYR A 209 -3.05 10.00 -20.21
N ALA A 210 -2.71 10.06 -18.89
CA ALA A 210 -2.87 11.26 -18.08
C ALA A 210 -2.08 12.44 -18.66
N ALA A 211 -0.89 12.15 -19.21
CA ALA A 211 -0.02 13.15 -19.85
C ALA A 211 -0.69 13.70 -21.11
N VAL A 212 -1.35 12.83 -21.89
CA VAL A 212 -2.06 13.25 -23.08
C VAL A 212 -3.25 14.11 -22.66
N ILE A 213 -4.00 13.69 -21.60
CA ILE A 213 -5.12 14.45 -21.07
C ILE A 213 -4.67 15.86 -20.64
N ASN A 214 -3.46 15.99 -20.09
CA ASN A 214 -2.92 17.28 -19.67
C ASN A 214 -2.17 18.07 -20.76
N GLY A 215 -2.23 17.61 -22.01
CA GLY A 215 -1.67 18.34 -23.13
C GLY A 215 -0.28 18.02 -23.65
N ASP A 216 0.46 17.04 -23.08
CA ASP A 216 1.78 16.74 -23.65
C ASP A 216 1.72 15.45 -24.46
N ARG A 217 2.00 15.54 -25.77
CA ARG A 217 1.92 14.40 -26.66
C ARG A 217 3.14 14.22 -27.59
N TRP A 218 4.31 14.76 -27.20
CA TRP A 218 5.56 14.63 -27.98
C TRP A 218 5.98 13.17 -28.19
N PHE A 219 5.61 12.28 -27.26
CA PHE A 219 6.00 10.87 -27.24
C PHE A 219 5.14 9.97 -28.12
N LEU A 220 4.02 10.48 -28.66
CA LEU A 220 3.16 9.69 -29.54
C LEU A 220 3.81 9.41 -30.90
N ASN A 221 3.37 8.35 -31.56
CA ASN A 221 3.87 8.02 -32.89
C ASN A 221 2.75 7.46 -33.79
N ARG A 222 3.05 7.25 -35.07
CA ARG A 222 2.07 6.71 -36.01
C ARG A 222 1.99 5.17 -36.01
N PHE A 223 2.79 4.51 -35.18
CA PHE A 223 2.87 3.06 -35.16
C PHE A 223 1.91 2.39 -34.23
N THR A 224 1.61 1.15 -34.53
CA THR A 224 0.83 0.29 -33.65
C THR A 224 1.67 -1.00 -33.43
N THR A 225 1.22 -1.88 -32.56
CA THR A 225 1.90 -3.13 -32.26
C THR A 225 0.86 -4.20 -31.94
N THR A 226 1.28 -5.47 -31.88
CA THR A 226 0.42 -6.55 -31.43
C THR A 226 0.66 -6.69 -29.92
N LEU A 227 -0.28 -7.34 -29.20
CA LEU A 227 -0.10 -7.52 -27.75
C LEU A 227 1.13 -8.41 -27.48
N ASN A 228 1.38 -9.40 -28.34
CA ASN A 228 2.51 -10.31 -28.26
C ASN A 228 3.86 -9.61 -28.52
N ASP A 229 3.94 -8.76 -29.56
CA ASP A 229 5.20 -8.05 -29.88
C ASP A 229 5.57 -7.03 -28.82
N PHE A 230 4.55 -6.37 -28.22
CA PHE A 230 4.79 -5.43 -27.16
C PHE A 230 5.33 -6.19 -25.94
N ASN A 231 4.71 -7.35 -25.61
CA ASN A 231 5.12 -8.19 -24.48
C ASN A 231 6.55 -8.72 -24.60
N LEU A 232 7.03 -8.93 -25.86
CA LEU A 232 8.40 -9.37 -26.16
C LEU A 232 9.40 -8.26 -25.78
N VAL A 233 9.02 -6.99 -26.01
CA VAL A 233 9.86 -5.86 -25.66
C VAL A 233 9.75 -5.55 -24.16
N ALA A 234 8.55 -5.71 -23.58
CA ALA A 234 8.34 -5.47 -22.15
C ALA A 234 9.24 -6.37 -21.29
N MET A 235 9.25 -7.70 -21.55
CA MET A 235 10.06 -8.67 -20.80
C MET A 235 11.54 -8.29 -20.80
N LYS A 236 12.03 -7.75 -21.93
CA LYS A 236 13.41 -7.30 -22.11
C LYS A 236 13.76 -6.13 -21.16
N TYR A 237 12.83 -5.20 -20.95
CA TYR A 237 13.08 -4.04 -20.09
C TYR A 237 12.61 -4.24 -18.63
N ASN A 238 12.36 -5.50 -18.21
CA ASN A 238 11.93 -5.83 -16.85
C ASN A 238 10.53 -5.23 -16.52
N TYR A 239 9.64 -5.28 -17.50
CA TYR A 239 8.28 -4.80 -17.31
C TYR A 239 7.33 -5.96 -17.13
N GLU A 240 6.26 -5.74 -16.37
CA GLU A 240 5.24 -6.78 -16.16
C GLU A 240 4.54 -7.03 -17.49
N PRO A 241 4.14 -8.28 -17.74
CA PRO A 241 3.41 -8.56 -18.99
C PRO A 241 2.07 -7.84 -19.00
N LEU A 242 1.60 -7.44 -20.19
CA LEU A 242 0.32 -6.78 -20.34
C LEU A 242 -0.69 -7.82 -20.82
N THR A 243 -1.79 -7.99 -20.09
CA THR A 243 -2.81 -8.96 -20.46
C THR A 243 -3.96 -8.29 -21.23
N GLN A 244 -4.86 -9.09 -21.82
CA GLN A 244 -6.05 -8.55 -22.48
C GLN A 244 -6.93 -7.82 -21.47
N ASP A 245 -6.96 -8.28 -20.21
CA ASP A 245 -7.71 -7.67 -19.12
C ASP A 245 -7.22 -6.25 -18.84
N HIS A 246 -5.89 -6.04 -18.85
CA HIS A 246 -5.29 -4.72 -18.66
C HIS A 246 -5.74 -3.81 -19.82
N VAL A 247 -5.78 -4.34 -21.07
CA VAL A 247 -6.21 -3.58 -22.24
C VAL A 247 -7.67 -3.09 -22.07
N ASP A 248 -8.54 -3.94 -21.49
CA ASP A 248 -9.94 -3.60 -21.26
C ASP A 248 -10.05 -2.54 -20.18
N ILE A 249 -9.25 -2.67 -19.11
CA ILE A 249 -9.21 -1.70 -18.02
C ILE A 249 -8.80 -0.32 -18.56
N LEU A 250 -7.90 -0.27 -19.55
CA LEU A 250 -7.44 0.95 -20.19
C LEU A 250 -8.40 1.55 -21.25
N GLY A 251 -9.52 0.87 -21.50
CA GLY A 251 -10.56 1.28 -22.46
C GLY A 251 -11.14 2.67 -22.27
N PRO A 252 -11.68 3.01 -21.08
CA PRO A 252 -12.21 4.37 -20.88
C PRO A 252 -11.18 5.48 -21.12
N LEU A 253 -9.89 5.26 -20.77
CA LEU A 253 -8.83 6.25 -21.02
C LEU A 253 -8.49 6.33 -22.52
N SER A 254 -8.60 5.20 -23.22
CA SER A 254 -8.35 5.13 -24.66
C SER A 254 -9.46 5.85 -25.44
N ALA A 255 -10.71 5.74 -24.97
CA ALA A 255 -11.87 6.37 -25.61
C ALA A 255 -11.92 7.89 -25.35
N GLN A 256 -11.33 8.38 -24.26
CA GLN A 256 -11.32 9.81 -23.97
C GLN A 256 -10.27 10.54 -24.80
N THR A 257 -9.11 9.92 -25.00
CA THR A 257 -8.00 10.52 -25.75
C THR A 257 -8.03 10.23 -27.24
N GLY A 258 -8.71 9.17 -27.65
CA GLY A 258 -8.74 8.79 -29.06
C GLY A 258 -7.56 7.93 -29.50
N ILE A 259 -6.68 7.58 -28.56
CA ILE A 259 -5.51 6.77 -28.83
C ILE A 259 -5.74 5.35 -28.39
N ALA A 260 -5.66 4.42 -29.35
CA ALA A 260 -5.82 3.00 -29.10
C ALA A 260 -4.77 2.50 -28.11
N VAL A 261 -5.12 1.48 -27.29
CA VAL A 261 -4.20 0.92 -26.33
C VAL A 261 -2.94 0.40 -27.01
N LEU A 262 -3.09 -0.31 -28.13
CA LEU A 262 -1.96 -0.84 -28.86
C LEU A 262 -1.11 0.24 -29.53
N ASP A 263 -1.69 1.45 -29.77
CA ASP A 263 -0.99 2.63 -30.28
C ASP A 263 -0.17 3.18 -29.10
N MET A 264 -0.77 3.29 -27.90
CA MET A 264 -0.05 3.75 -26.70
C MET A 264 1.09 2.78 -26.33
N CYS A 265 0.92 1.49 -26.60
CA CYS A 265 1.96 0.49 -26.35
C CYS A 265 3.17 0.73 -27.26
N ALA A 266 2.94 1.15 -28.52
CA ALA A 266 4.03 1.46 -29.46
C ALA A 266 4.79 2.75 -29.07
N SER A 267 4.13 3.70 -28.37
CA SER A 267 4.79 4.88 -27.83
C SER A 267 5.68 4.42 -26.67
N LEU A 268 5.13 3.56 -25.76
CA LEU A 268 5.91 3.06 -24.63
C LEU A 268 7.13 2.26 -25.11
N LYS A 269 6.95 1.40 -26.12
CA LYS A 269 8.04 0.64 -26.71
C LYS A 269 9.16 1.57 -27.22
N GLU A 270 8.81 2.66 -27.93
CA GLU A 270 9.80 3.61 -28.42
C GLU A 270 10.45 4.37 -27.25
N LEU A 271 9.69 4.73 -26.21
CA LEU A 271 10.21 5.42 -25.03
C LEU A 271 11.25 4.55 -24.31
N LEU A 272 11.01 3.23 -24.25
CA LEU A 272 11.94 2.30 -23.61
C LEU A 272 13.20 2.07 -24.45
N GLN A 273 13.05 2.02 -25.78
CA GLN A 273 14.19 1.80 -26.67
C GLN A 273 15.06 3.04 -26.87
N ASN A 274 14.45 4.21 -26.98
CA ASN A 274 15.16 5.45 -27.27
C ASN A 274 15.33 6.42 -26.11
N GLY A 275 14.67 6.17 -24.98
CA GLY A 275 14.75 7.06 -23.83
C GLY A 275 13.88 8.29 -24.01
N MET A 276 14.20 9.37 -23.30
CA MET A 276 13.41 10.61 -23.39
C MET A 276 14.10 11.75 -24.15
N ASN A 277 15.41 11.60 -24.46
CA ASN A 277 16.24 12.59 -25.16
C ASN A 277 16.22 13.98 -24.51
N GLY A 278 16.34 14.02 -23.18
CA GLY A 278 16.35 15.26 -22.41
C GLY A 278 14.99 15.89 -22.21
N ARG A 279 13.92 15.09 -22.32
CA ARG A 279 12.56 15.61 -22.18
C ARG A 279 11.81 14.98 -21.00
N THR A 280 10.83 15.70 -20.46
CA THR A 280 10.04 15.20 -19.33
C THR A 280 8.57 14.96 -19.71
N ILE A 281 7.86 14.18 -18.88
CA ILE A 281 6.44 13.89 -19.04
C ILE A 281 5.84 14.15 -17.68
N LEU A 282 4.91 15.12 -17.57
CA LEU A 282 4.28 15.51 -16.30
C LEU A 282 5.31 15.80 -15.20
N GLY A 283 6.35 16.55 -15.56
CA GLY A 283 7.43 16.94 -14.67
C GLY A 283 8.36 15.82 -14.23
N SER A 284 8.33 14.69 -14.94
CA SER A 284 9.14 13.54 -14.57
C SER A 284 10.09 13.09 -15.69
N ALA A 285 11.38 12.91 -15.35
CA ALA A 285 12.38 12.41 -16.30
C ALA A 285 12.38 10.87 -16.36
N LEU A 286 11.65 10.20 -15.48
CA LEU A 286 11.53 8.74 -15.49
C LEU A 286 10.08 8.37 -15.75
N LEU A 287 9.83 7.15 -16.25
CA LEU A 287 8.46 6.67 -16.46
C LEU A 287 7.86 6.32 -15.09
N GLU A 288 6.68 6.82 -14.80
CA GLU A 288 6.00 6.64 -13.51
C GLU A 288 5.03 5.43 -13.48
N ASP A 289 5.14 4.53 -12.47
CA ASP A 289 4.27 3.36 -12.40
C ASP A 289 3.41 3.24 -11.12
N GLU A 290 3.21 4.34 -10.37
CA GLU A 290 2.41 4.26 -9.15
C GLU A 290 1.07 5.04 -9.24
N PHE A 291 0.46 5.04 -10.46
CA PHE A 291 -0.88 5.55 -10.71
C PHE A 291 -1.61 4.46 -11.52
N THR A 292 -2.67 3.87 -10.97
CA THR A 292 -3.48 2.88 -11.68
C THR A 292 -4.43 3.60 -12.69
N PRO A 293 -5.02 2.87 -13.65
CA PRO A 293 -5.98 3.51 -14.57
C PRO A 293 -7.16 4.19 -13.84
N PHE A 294 -7.54 3.66 -12.65
CA PHE A 294 -8.58 4.22 -11.80
C PHE A 294 -8.13 5.52 -11.17
N ASP A 295 -6.86 5.60 -10.73
CA ASP A 295 -6.32 6.83 -10.15
C ASP A 295 -6.36 7.98 -11.16
N VAL A 296 -6.02 7.70 -12.43
CA VAL A 296 -6.00 8.70 -13.49
C VAL A 296 -7.42 9.22 -13.74
N VAL A 297 -8.41 8.31 -13.81
CA VAL A 297 -9.82 8.66 -14.00
C VAL A 297 -10.31 9.57 -12.85
N ARG A 298 -9.99 9.21 -11.60
CA ARG A 298 -10.44 9.98 -10.45
C ARG A 298 -9.92 11.41 -10.40
N GLN A 299 -8.68 11.65 -10.82
CA GLN A 299 -8.07 12.97 -10.73
C GLN A 299 -8.17 13.80 -12.00
N CYS A 300 -8.22 13.18 -13.17
CA CYS A 300 -8.22 13.91 -14.44
C CYS A 300 -9.60 14.46 -14.88
N SER A 301 -9.56 15.36 -15.89
CA SER A 301 -10.72 15.96 -16.52
C SER A 301 -11.48 14.89 -17.34
C ACE B 1 15.32 -2.91 10.13
O ACE B 1 15.67 -2.23 11.09
CH3 ACE B 1 15.86 -2.70 8.75
N GLY B 2 14.45 -3.92 10.28
CA GLY B 2 13.98 -4.34 11.58
C GLY B 2 12.48 -4.22 11.74
N PHE B 3 11.99 -4.45 12.96
CA PHE B 3 10.57 -4.41 13.24
C PHE B 3 10.15 -3.02 13.70
N HSV B 4 9.24 -2.40 12.95
CA HSV B 4 8.77 -1.05 13.28
CB HSV B 4 8.43 -0.24 12.02
CG HSV B 4 9.61 0.24 11.24
ND1 HSV B 4 9.46 0.75 9.95
CD2 HSV B 4 10.92 0.32 11.59
CE1 HSV B 4 10.67 1.14 9.58
NE2 HSV B 4 11.58 0.89 10.54
C HSV B 4 7.56 -1.11 14.22
O HSV B 4 7.46 -0.29 15.09
S DMS C . 0.58 -17.14 10.79
O DMS C . -0.58 -16.92 9.92
C1 DMS C . 0.65 -18.91 10.89
C2 DMS C . 1.91 -16.94 9.68
S DMS D . 10.48 -6.70 18.93
O DMS D . 11.70 -6.22 18.24
C1 DMS D . 10.11 -5.41 20.09
C2 DMS D . 9.18 -6.40 17.78
#